data_9HX2
#
_entry.id   9HX2
#
_cell.length_a   93.196
_cell.length_b   61.182
_cell.length_c   118.200
_cell.angle_alpha   90.00
_cell.angle_beta   102.39
_cell.angle_gamma   90.00
#
_symmetry.space_group_name_H-M   'C 1 2 1'
#
loop_
_entity.id
_entity.type
_entity.pdbx_description
1 polymer 'Peroxisome proliferator-activated receptor gamma'
2 non-polymer '2-[3-[(2~{R})-3-(4-bromophenyl)-4-oxidanyl-5-oxidanylidene-2~{H}-furan-2-yl]phenoxy]ethanoic acid'
3 water water
#
_entity_poly.entity_id   1
_entity_poly.type   'polypeptide(L)'
_entity_poly.pdbx_seq_one_letter_code
;GSHMAEISSDIDQLNPESADLRALAKHLYDSYIKSFPLTKAKARAILTGKTTDKSPFVIYDMNSLMMGEDKIKFKHITPL
QEQSKEVAIRIFQGCQFRSVEAVQEITEYAKSIPGFVNLDLNDQVTLLKYGVHEIIYTMLASLMNKDGVLISEGQGFMTR
EFLKSLRKPFGDFMEPKFEFAVKFNALELDDSDLAIFIAVIILSGDRPGLLNVKPIEDIQDNLLQALELQLKLNHPESSQ
LFAKLLQKMTDLRQIVTEHVQLLQVIKKTETDMSLHPLLQEIYKDL
;
_entity_poly.pdbx_strand_id   A,B
#
loop_
_chem_comp.id
_chem_comp.type
_chem_comp.name
_chem_comp.formula
A1IYE non-polymer '2-[3-[(2~{R})-3-(4-bromophenyl)-4-oxidanyl-5-oxidanylidene-2~{H}-furan-2-yl]phenoxy]ethanoic acid' 'C18 H13 Br O6'
#
# COMPACT_ATOMS: atom_id res chain seq x y z
N ASN A 15 -9.78 27.24 14.97
CA ASN A 15 -8.84 28.20 14.37
C ASN A 15 -7.53 28.34 15.17
N PRO A 16 -7.58 28.41 16.51
CA PRO A 16 -6.30 28.42 17.25
C PRO A 16 -5.57 27.09 17.17
N GLU A 17 -6.28 25.97 17.04
CA GLU A 17 -5.63 24.69 16.83
C GLU A 17 -5.17 24.51 15.39
N SER A 18 -5.92 25.04 14.42
CA SER A 18 -5.47 24.99 13.03
C SER A 18 -4.23 25.87 12.83
N ALA A 19 -4.08 26.92 13.64
CA ALA A 19 -2.88 27.74 13.57
C ALA A 19 -1.66 26.98 14.10
N ASP A 20 -1.86 26.11 15.10
CA ASP A 20 -0.77 25.27 15.56
C ASP A 20 -0.30 24.31 14.48
N LEU A 21 -1.23 23.88 13.61
CA LEU A 21 -0.87 23.02 12.49
C LEU A 21 -0.19 23.81 11.37
N ARG A 22 -0.50 25.10 11.24
CA ARG A 22 0.21 25.92 10.26
C ARG A 22 1.65 26.16 10.69
N ALA A 23 1.89 26.38 11.98
CA ALA A 23 3.26 26.52 12.48
C ALA A 23 4.04 25.23 12.28
N LEU A 24 3.39 24.08 12.45
CA LEU A 24 4.04 22.80 12.17
C LEU A 24 4.36 22.66 10.68
N ALA A 25 3.43 23.10 9.83
CA ALA A 25 3.65 22.99 8.39
C ALA A 25 4.80 23.89 7.93
N LYS A 26 4.88 25.11 8.47
CA LYS A 26 5.98 26.00 8.10
C LYS A 26 7.31 25.51 8.64
N HIS A 27 7.32 24.89 9.82
CA HIS A 27 8.55 24.35 10.36
C HIS A 27 9.07 23.20 9.52
N LEU A 28 8.17 22.32 9.07
CA LEU A 28 8.59 21.20 8.24
C LEU A 28 9.09 21.68 6.88
N TYR A 29 8.42 22.68 6.29
CA TYR A 29 8.91 23.24 5.04
C TYR A 29 10.24 23.95 5.23
N ASP A 30 10.45 24.58 6.38
CA ASP A 30 11.71 25.26 6.64
C ASP A 30 12.86 24.26 6.72
N SER A 31 12.65 23.13 7.41
CA SER A 31 13.68 22.10 7.48
C SER A 31 13.85 21.40 6.14
N TYR A 32 12.78 21.27 5.36
CA TYR A 32 12.85 20.66 4.04
C TYR A 32 13.81 21.43 3.13
N ILE A 33 13.67 22.75 3.11
CA ILE A 33 14.55 23.58 2.28
C ILE A 33 16.00 23.45 2.76
N LYS A 34 16.19 23.31 4.07
CA LYS A 34 17.53 23.26 4.65
C LYS A 34 18.17 21.88 4.60
N SER A 35 17.40 20.84 4.34
CA SER A 35 17.93 19.48 4.34
C SER A 35 18.20 18.93 2.95
N PHE A 36 17.38 19.29 1.96
CA PHE A 36 17.54 18.78 0.60
C PHE A 36 17.99 19.90 -0.32
N PRO A 37 19.20 19.83 -0.89
CA PRO A 37 19.67 20.95 -1.74
C PRO A 37 18.87 21.11 -3.02
N LEU A 38 18.36 20.02 -3.60
CA LEU A 38 17.63 20.06 -4.86
C LEU A 38 16.16 19.80 -4.56
N THR A 39 15.35 20.87 -4.60
CA THR A 39 13.92 20.77 -4.35
C THR A 39 13.17 20.58 -5.67
N LYS A 40 11.87 20.29 -5.54
CA LYS A 40 11.05 20.13 -6.74
C LYS A 40 10.88 21.44 -7.49
N ALA A 41 10.83 22.56 -6.77
CA ALA A 41 10.70 23.86 -7.43
C ALA A 41 11.90 24.14 -8.33
N LYS A 42 13.11 23.81 -7.86
CA LYS A 42 14.29 23.99 -8.68
C LYS A 42 14.38 22.95 -9.78
N ALA A 43 13.91 21.74 -9.52
CA ALA A 43 13.95 20.69 -10.54
C ALA A 43 13.02 21.00 -11.70
N ARG A 44 11.82 21.52 -11.41
CA ARG A 44 10.89 21.87 -12.49
C ARG A 44 11.39 23.05 -13.30
N ALA A 45 12.18 23.94 -12.69
CA ALA A 45 12.79 25.02 -13.45
C ALA A 45 13.85 24.50 -14.40
N ILE A 46 14.45 23.36 -14.10
CA ILE A 46 15.45 22.76 -14.97
C ILE A 46 14.82 21.88 -16.03
N LEU A 47 13.85 21.04 -15.64
CA LEU A 47 13.21 20.13 -16.58
C LEU A 47 12.55 20.90 -17.71
N THR A 48 11.64 21.82 -17.38
CA THR A 48 11.12 22.73 -18.38
C THR A 48 12.22 23.71 -18.78
N GLY A 49 12.55 23.77 -20.06
CA GLY A 49 13.65 24.58 -20.53
C GLY A 49 13.33 26.06 -20.60
N LYS A 50 13.14 26.68 -19.44
CA LYS A 50 12.79 28.09 -19.35
C LYS A 50 13.95 28.99 -18.98
N THR A 51 15.09 28.42 -18.58
CA THR A 51 16.23 29.19 -18.12
C THR A 51 17.41 28.99 -19.05
N THR A 52 18.22 30.04 -19.20
CA THR A 52 19.44 29.98 -19.98
C THR A 52 20.65 29.53 -19.16
N ASP A 53 20.48 29.37 -17.86
CA ASP A 53 21.57 29.00 -16.96
C ASP A 53 21.39 27.65 -16.29
N LYS A 54 20.15 27.22 -16.05
CA LYS A 54 19.88 25.91 -15.44
C LYS A 54 19.51 24.87 -16.50
N SER A 55 20.30 24.80 -17.57
CA SER A 55 20.05 23.87 -18.66
C SER A 55 20.94 22.65 -18.52
N PRO A 56 20.40 21.44 -18.61
CA PRO A 56 21.19 20.23 -18.39
C PRO A 56 21.77 19.65 -19.67
N PHE A 57 22.82 18.84 -19.48
CA PHE A 57 23.39 18.05 -20.56
C PHE A 57 22.68 16.70 -20.59
N VAL A 58 22.03 16.40 -21.70
CA VAL A 58 21.19 15.22 -21.83
C VAL A 58 22.05 14.03 -22.25
N ILE A 59 21.90 12.91 -21.53
CA ILE A 59 22.58 11.66 -21.84
C ILE A 59 21.54 10.72 -22.46
N TYR A 60 21.80 10.28 -23.69
CA TYR A 60 20.85 9.49 -24.44
C TYR A 60 21.45 8.28 -25.14
N ASP A 61 22.78 8.20 -25.27
CA ASP A 61 23.42 7.05 -25.88
C ASP A 61 24.79 6.87 -25.22
N MET A 62 25.70 6.18 -25.92
CA MET A 62 27.04 5.94 -25.39
C MET A 62 27.95 7.14 -25.55
N ASN A 63 27.78 7.90 -26.63
CA ASN A 63 28.65 9.04 -26.90
C ASN A 63 28.39 10.17 -25.91
N SER A 64 27.13 10.60 -25.79
CA SER A 64 26.77 11.63 -24.83
C SER A 64 27.14 11.26 -23.41
N LEU A 65 27.26 9.96 -23.12
CA LEU A 65 27.79 9.53 -21.83
C LEU A 65 29.23 10.02 -21.70
N MET A 66 30.14 9.45 -22.50
CA MET A 66 31.57 9.75 -22.34
C MET A 66 31.88 11.24 -22.45
N MET A 67 31.01 12.03 -23.09
CA MET A 67 31.27 13.46 -23.18
C MET A 67 30.79 14.21 -21.95
N GLY A 68 29.74 13.72 -21.28
CA GLY A 68 29.26 14.34 -20.07
C GLY A 68 29.93 13.82 -18.81
N GLU A 69 31.07 13.14 -18.96
CA GLU A 69 31.80 12.62 -17.81
C GLU A 69 32.49 13.71 -16.99
N ASP A 70 32.42 14.96 -17.43
CA ASP A 70 33.01 16.06 -16.68
C ASP A 70 32.24 16.37 -15.40
N LYS A 71 31.05 15.80 -15.23
CA LYS A 71 30.22 16.05 -14.06
C LYS A 71 29.80 14.78 -13.33
N ILE A 72 30.03 13.62 -13.94
CA ILE A 72 29.63 12.30 -13.38
C ILE A 72 30.80 11.31 -13.53
N GLU A 86 32.49 -1.30 -17.62
CA GLU A 86 31.11 -1.62 -17.98
C GLU A 86 30.19 -0.42 -17.78
N VAL A 87 29.40 -0.12 -18.81
CA VAL A 87 28.50 1.03 -18.75
C VAL A 87 27.35 0.77 -17.80
N ALA A 88 26.71 -0.40 -17.91
CA ALA A 88 25.55 -0.71 -17.08
C ALA A 88 25.91 -0.70 -15.60
N ILE A 89 27.10 -1.19 -15.26
CA ILE A 89 27.53 -1.20 -13.86
C ILE A 89 27.86 0.21 -13.39
N ARG A 90 28.55 0.98 -14.24
CA ARG A 90 28.94 2.33 -13.84
C ARG A 90 27.72 3.20 -13.56
N ILE A 91 26.65 2.98 -14.32
CA ILE A 91 25.35 3.72 -14.15
C ILE A 91 24.75 3.32 -12.80
N PHE A 92 24.81 2.04 -12.44
CA PHE A 92 24.23 1.56 -11.20
C PHE A 92 25.05 1.98 -9.99
N GLN A 93 26.37 2.08 -10.14
CA GLN A 93 27.21 2.58 -9.06
C GLN A 93 26.83 3.99 -8.67
N GLY A 94 26.61 4.86 -9.66
CA GLY A 94 26.20 6.22 -9.37
C GLY A 94 24.80 6.32 -8.80
N CYS A 95 23.92 5.38 -9.18
CA CYS A 95 22.59 5.36 -8.61
C CYS A 95 22.63 5.10 -7.11
N GLN A 96 23.44 4.14 -6.68
CA GLN A 96 23.56 3.85 -5.26
C GLN A 96 24.40 4.88 -4.54
N PHE A 97 25.33 5.54 -5.24
CA PHE A 97 26.05 6.66 -4.65
C PHE A 97 25.10 7.80 -4.31
N ARG A 98 24.16 8.10 -5.21
CA ARG A 98 23.15 9.12 -4.91
C ARG A 98 22.14 8.63 -3.88
N SER A 99 21.94 7.32 -3.79
CA SER A 99 21.05 6.78 -2.76
C SER A 99 21.63 7.01 -1.37
N VAL A 100 22.95 6.84 -1.23
CA VAL A 100 23.61 7.10 0.04
C VAL A 100 23.59 8.59 0.36
N GLU A 101 23.74 9.42 -0.67
CA GLU A 101 23.58 10.87 -0.49
C GLU A 101 22.17 11.21 -0.03
N ALA A 102 21.17 10.45 -0.49
CA ALA A 102 19.80 10.72 -0.10
C ALA A 102 19.54 10.34 1.34
N VAL A 103 20.05 9.19 1.78
CA VAL A 103 19.83 8.74 3.15
C VAL A 103 20.43 9.73 4.14
N GLN A 104 21.59 10.31 3.80
CA GLN A 104 22.20 11.31 4.66
C GLN A 104 21.29 12.53 4.82
N GLU A 105 20.64 12.95 3.74
CA GLU A 105 19.73 14.10 3.81
C GLU A 105 18.43 13.74 4.53
N ILE A 106 17.95 12.51 4.38
CA ILE A 106 16.71 12.11 5.03
C ILE A 106 16.91 12.02 6.54
N THR A 107 18.05 11.49 6.97
CA THR A 107 18.33 11.40 8.41
C THR A 107 18.40 12.80 9.02
N GLU A 108 19.01 13.75 8.32
CA GLU A 108 19.09 15.12 8.84
C GLU A 108 17.70 15.74 8.97
N TYR A 109 16.82 15.48 7.98
CA TYR A 109 15.47 16.04 8.05
C TYR A 109 14.62 15.34 9.09
N ALA A 110 14.83 14.04 9.30
CA ALA A 110 14.04 13.31 10.28
C ALA A 110 14.31 13.82 11.69
N LYS A 111 15.56 14.21 11.96
CA LYS A 111 15.89 14.72 13.28
C LYS A 111 15.15 16.02 13.59
N SER A 112 14.79 16.78 12.56
CA SER A 112 14.08 18.04 12.79
C SER A 112 12.58 17.86 12.96
N ILE A 113 12.04 16.70 12.57
CA ILE A 113 10.61 16.44 12.78
C ILE A 113 10.33 16.40 14.28
N PRO A 114 9.38 17.19 14.77
CA PRO A 114 9.16 17.28 16.24
C PRO A 114 8.82 15.93 16.84
N GLY A 115 9.65 15.49 17.79
CA GLY A 115 9.42 14.27 18.53
C GLY A 115 10.29 13.10 18.10
N PHE A 116 10.88 13.15 16.91
CA PHE A 116 11.62 12.01 16.40
C PHE A 116 12.83 11.70 17.28
N VAL A 117 13.60 12.74 17.64
CA VAL A 117 14.78 12.52 18.47
C VAL A 117 14.40 12.17 19.91
N ASN A 118 13.17 12.44 20.31
CA ASN A 118 12.70 12.12 21.66
C ASN A 118 12.27 10.68 21.80
N LEU A 119 12.08 9.95 20.70
CA LEU A 119 11.66 8.57 20.74
C LEU A 119 12.83 7.67 21.17
N ASP A 120 12.55 6.38 21.27
CA ASP A 120 13.59 5.42 21.61
C ASP A 120 14.58 5.28 20.46
N LEU A 121 15.86 5.12 20.80
CA LEU A 121 16.90 5.10 19.78
C LEU A 121 16.73 3.91 18.84
N ASN A 122 16.23 2.78 19.35
CA ASN A 122 15.98 1.63 18.49
C ASN A 122 14.88 1.91 17.49
N ASP A 123 13.90 2.75 17.84
CA ASP A 123 12.81 3.06 16.93
C ASP A 123 13.23 4.09 15.88
N GLN A 124 14.13 5.01 16.22
CA GLN A 124 14.63 5.95 15.22
C GLN A 124 15.36 5.22 14.11
N VAL A 125 16.05 4.13 14.43
CA VAL A 125 16.75 3.35 13.40
C VAL A 125 15.77 2.53 12.57
N THR A 126 14.70 2.02 13.18
CA THR A 126 13.76 1.21 12.41
C THR A 126 12.88 2.08 11.50
N LEU A 127 12.41 3.22 12.01
CA LEU A 127 11.64 4.12 11.16
C LEU A 127 12.45 4.58 9.96
N LEU A 128 13.76 4.78 10.15
CA LEU A 128 14.62 5.14 9.03
C LEU A 128 14.96 3.95 8.15
N LYS A 129 15.05 2.75 8.73
CA LYS A 129 15.46 1.58 7.96
C LYS A 129 14.46 1.25 6.86
N TYR A 130 13.17 1.28 7.18
CA TYR A 130 12.12 0.96 6.22
C TYR A 130 11.53 2.20 5.55
N GLY A 131 11.83 3.40 6.04
CA GLY A 131 11.22 4.60 5.53
C GLY A 131 12.01 5.31 4.45
N VAL A 132 13.33 5.15 4.45
CA VAL A 132 14.17 5.96 3.56
C VAL A 132 13.82 5.70 2.10
N HIS A 133 13.64 4.44 1.72
CA HIS A 133 13.42 4.13 0.31
C HIS A 133 12.08 4.65 -0.18
N GLU A 134 11.05 4.58 0.67
CA GLU A 134 9.77 5.19 0.30
C GLU A 134 9.89 6.70 0.16
N ILE A 135 10.82 7.31 0.90
CA ILE A 135 11.07 8.74 0.75
C ILE A 135 11.85 9.02 -0.54
N ILE A 136 12.85 8.18 -0.84
CA ILE A 136 13.72 8.42 -1.99
C ILE A 136 12.92 8.38 -3.29
N TYR A 137 12.03 7.39 -3.43
CA TYR A 137 11.24 7.29 -4.65
C TYR A 137 10.22 8.42 -4.76
N THR A 138 9.80 8.98 -3.63
CA THR A 138 8.89 10.13 -3.68
C THR A 138 9.59 11.37 -4.21
N MET A 139 10.78 11.68 -3.67
CA MET A 139 11.50 12.87 -4.10
C MET A 139 12.19 12.66 -5.45
N LEU A 140 12.52 11.41 -5.79
CA LEU A 140 13.05 11.13 -7.13
C LEU A 140 12.03 11.48 -8.21
N ALA A 141 10.75 11.30 -7.92
CA ALA A 141 9.70 11.69 -8.86
C ALA A 141 9.71 13.18 -9.15
N SER A 142 10.26 13.99 -8.25
CA SER A 142 10.38 15.42 -8.51
C SER A 142 11.45 15.73 -9.54
N LEU A 143 12.40 14.82 -9.75
CA LEU A 143 13.46 15.01 -10.72
C LEU A 143 13.18 14.30 -12.04
N MET A 144 12.00 13.70 -12.20
CA MET A 144 11.69 12.90 -13.37
C MET A 144 10.42 13.41 -14.05
N ASN A 145 10.50 13.51 -15.38
CA ASN A 145 9.35 13.67 -16.25
C ASN A 145 9.10 12.33 -16.96
N LYS A 146 8.32 12.36 -18.03
CA LYS A 146 8.05 11.14 -18.77
C LYS A 146 9.19 10.75 -19.71
N ASP A 147 10.23 11.58 -19.83
CA ASP A 147 11.29 11.36 -20.79
C ASP A 147 12.66 11.09 -20.18
N GLY A 148 12.82 11.25 -18.87
CA GLY A 148 14.10 10.98 -18.25
C GLY A 148 14.17 11.46 -16.82
N VAL A 149 15.40 11.48 -16.30
CA VAL A 149 15.67 11.77 -14.89
C VAL A 149 16.81 12.78 -14.81
N LEU A 150 16.68 13.75 -13.90
CA LEU A 150 17.78 14.67 -13.62
C LEU A 150 18.86 13.96 -12.81
N ILE A 151 20.12 14.15 -13.22
CA ILE A 151 21.26 13.56 -12.54
C ILE A 151 22.27 14.65 -12.23
N SER A 152 23.19 14.33 -11.33
CA SER A 152 24.32 15.19 -10.98
C SER A 152 23.86 16.59 -10.56
N GLU A 153 23.03 16.62 -9.52
CA GLU A 153 22.58 17.85 -8.88
C GLU A 153 21.83 18.75 -9.86
N GLY A 154 21.20 18.16 -10.89
CA GLY A 154 20.48 18.91 -11.88
C GLY A 154 21.29 19.32 -13.10
N GLN A 155 22.58 19.01 -13.13
CA GLN A 155 23.42 19.35 -14.28
C GLN A 155 23.21 18.43 -15.47
N GLY A 156 22.75 17.20 -15.24
CA GLY A 156 22.53 16.25 -16.30
C GLY A 156 21.09 15.78 -16.35
N PHE A 157 20.77 15.03 -17.41
CA PHE A 157 19.42 14.52 -17.63
C PHE A 157 19.53 13.26 -18.48
N MET A 158 19.48 12.10 -17.84
CA MET A 158 19.56 10.82 -18.53
C MET A 158 18.19 10.42 -19.03
N THR A 159 18.10 10.03 -20.30
CA THR A 159 16.83 9.73 -20.91
C THR A 159 16.27 8.40 -20.42
N ARG A 160 14.95 8.29 -20.44
CA ARG A 160 14.27 7.07 -20.00
C ARG A 160 14.51 5.92 -20.97
N GLU A 161 14.62 6.21 -22.27
CA GLU A 161 14.89 5.16 -23.25
C GLU A 161 16.28 4.59 -23.07
N PHE A 162 17.28 5.45 -22.84
CA PHE A 162 18.64 4.95 -22.65
C PHE A 162 18.76 4.15 -21.36
N LEU A 163 18.10 4.60 -20.28
CA LEU A 163 18.10 3.84 -19.04
C LEU A 163 17.45 2.47 -19.22
N LYS A 164 16.43 2.40 -20.07
CA LYS A 164 15.75 1.14 -20.34
C LYS A 164 16.52 0.28 -21.34
N SER A 165 17.41 0.89 -22.12
CA SER A 165 18.20 0.16 -23.12
C SER A 165 19.42 -0.50 -22.52
N LEU A 166 19.66 -0.38 -21.22
CA LEU A 166 20.80 -1.04 -20.61
C LEU A 166 20.63 -2.55 -20.68
N ARG A 167 21.75 -3.26 -20.57
CA ARG A 167 21.70 -4.71 -20.62
C ARG A 167 20.92 -5.26 -19.42
N LYS A 168 20.57 -6.53 -19.51
CA LYS A 168 19.87 -7.19 -18.43
C LYS A 168 20.84 -7.56 -17.30
N PRO A 169 20.38 -7.55 -16.04
CA PRO A 169 19.03 -7.22 -15.57
C PRO A 169 18.86 -5.75 -15.21
N PHE A 170 19.58 -4.84 -15.87
CA PHE A 170 19.50 -3.41 -15.60
C PHE A 170 18.54 -2.68 -16.52
N GLY A 171 18.13 -3.29 -17.63
CA GLY A 171 17.27 -2.63 -18.59
C GLY A 171 15.85 -2.37 -18.10
N ASP A 172 15.48 -2.91 -16.95
CA ASP A 172 14.16 -2.69 -16.37
C ASP A 172 14.26 -2.29 -14.91
N PHE A 173 15.38 -1.67 -14.53
CA PHE A 173 15.58 -1.22 -13.17
C PHE A 173 14.92 0.13 -12.88
N MET A 174 14.58 0.88 -13.92
CA MET A 174 14.04 2.22 -13.76
C MET A 174 12.59 2.39 -14.18
N GLU A 175 12.04 1.45 -14.96
CA GLU A 175 10.67 1.61 -15.43
C GLU A 175 9.64 1.69 -14.30
N PRO A 176 9.72 0.90 -13.22
CA PRO A 176 8.78 1.11 -12.11
C PRO A 176 8.87 2.49 -11.49
N LYS A 177 10.07 3.06 -11.39
CA LYS A 177 10.21 4.41 -10.87
C LYS A 177 9.56 5.43 -11.80
N PHE A 178 9.77 5.29 -13.11
CA PHE A 178 9.19 6.23 -14.06
C PHE A 178 7.67 6.12 -14.12
N GLU A 179 7.15 4.90 -14.12
CA GLU A 179 5.71 4.71 -14.20
C GLU A 179 4.99 5.28 -12.98
N PHE A 180 5.65 5.22 -11.81
CA PHE A 180 5.08 5.82 -10.61
C PHE A 180 5.19 7.34 -10.60
N ALA A 181 6.24 7.89 -11.24
CA ALA A 181 6.44 9.34 -11.20
C ALA A 181 5.38 10.07 -12.00
N VAL A 182 5.15 9.65 -13.25
CA VAL A 182 4.14 10.30 -14.07
C VAL A 182 2.76 10.17 -13.46
N LYS A 183 2.55 9.13 -12.64
CA LYS A 183 1.29 8.99 -11.91
C LYS A 183 1.25 9.89 -10.68
N PHE A 184 2.38 10.03 -10.01
CA PHE A 184 2.43 10.79 -8.77
C PHE A 184 2.51 12.29 -9.03
N ASN A 185 3.27 12.69 -10.05
CA ASN A 185 3.42 14.11 -10.39
C ASN A 185 2.11 14.72 -10.87
N ALA A 186 1.13 13.88 -11.26
CA ALA A 186 -0.17 14.40 -11.66
C ALA A 186 -0.89 15.08 -10.50
N LEU A 187 -0.54 14.74 -9.26
CA LEU A 187 -1.13 15.39 -8.11
C LEU A 187 -0.73 16.86 -7.99
N GLU A 188 0.34 17.27 -8.69
CA GLU A 188 0.75 18.67 -8.76
C GLU A 188 1.15 19.20 -7.39
N LEU A 189 1.86 18.38 -6.61
CA LEU A 189 2.30 18.77 -5.29
C LEU A 189 3.61 19.54 -5.36
N ASP A 190 3.74 20.58 -4.53
CA ASP A 190 4.97 21.34 -4.44
C ASP A 190 5.70 20.93 -3.16
N ASP A 191 6.79 21.66 -2.85
CA ASP A 191 7.66 21.27 -1.75
C ASP A 191 7.00 21.47 -0.39
N SER A 192 6.06 22.41 -0.28
CA SER A 192 5.39 22.63 1.00
C SER A 192 4.49 21.45 1.36
N ASP A 193 3.82 20.86 0.36
CA ASP A 193 3.04 19.65 0.61
C ASP A 193 3.93 18.43 0.76
N LEU A 194 5.01 18.36 -0.04
CA LEU A 194 5.91 17.21 0.04
C LEU A 194 6.62 17.15 1.39
N ALA A 195 6.88 18.30 2.01
CA ALA A 195 7.57 18.31 3.30
C ALA A 195 6.79 17.54 4.36
N ILE A 196 5.46 17.75 4.40
CA ILE A 196 4.66 17.06 5.41
C ILE A 196 4.46 15.60 5.04
N PHE A 197 4.23 15.32 3.76
CA PHE A 197 4.06 13.93 3.32
C PHE A 197 5.30 13.09 3.56
N ILE A 198 6.48 13.70 3.46
CA ILE A 198 7.72 12.99 3.79
C ILE A 198 7.75 12.65 5.27
N ALA A 199 7.29 13.57 6.11
CA ALA A 199 7.29 13.32 7.55
C ALA A 199 6.30 12.24 7.95
N VAL A 200 5.17 12.15 7.25
CA VAL A 200 4.18 11.12 7.57
C VAL A 200 4.73 9.73 7.30
N ILE A 201 5.50 9.58 6.22
CA ILE A 201 6.03 8.27 5.86
C ILE A 201 7.05 7.79 6.89
N ILE A 202 7.91 8.70 7.37
CA ILE A 202 8.93 8.30 8.33
C ILE A 202 8.29 7.85 9.64
N LEU A 203 7.30 8.60 10.13
CA LEU A 203 6.65 8.32 11.40
C LEU A 203 5.47 7.37 11.19
N SER A 204 5.80 6.14 10.81
CA SER A 204 4.81 5.10 10.55
C SER A 204 4.83 4.06 11.66
N GLY A 205 3.65 3.73 12.19
CA GLY A 205 3.48 2.70 13.19
C GLY A 205 3.46 1.27 12.69
N ASP A 206 3.33 1.07 11.38
CA ASP A 206 3.17 -0.23 10.74
C ASP A 206 4.53 -0.83 10.38
N ARG A 207 5.56 -0.44 11.06
CA ARG A 207 6.80 -0.97 10.59
C ARG A 207 7.28 -2.05 11.55
N PRO A 208 7.82 -3.14 11.03
CA PRO A 208 8.21 -4.25 11.90
C PRO A 208 9.41 -3.87 12.77
N GLY A 209 9.30 -4.16 14.07
CA GLY A 209 10.38 -3.92 15.00
C GLY A 209 10.19 -2.73 15.92
N LEU A 210 9.06 -2.04 15.84
CA LEU A 210 8.82 -0.87 16.68
C LEU A 210 8.54 -1.30 18.11
N LEU A 211 9.40 -0.85 19.05
CA LEU A 211 9.23 -1.22 20.45
C LEU A 211 8.07 -0.46 21.08
N ASN A 212 8.08 0.86 20.98
CA ASN A 212 7.01 1.70 21.53
C ASN A 212 6.25 2.31 20.35
N VAL A 213 5.18 1.64 19.94
CA VAL A 213 4.47 2.03 18.73
C VAL A 213 3.63 3.28 18.98
N LYS A 214 2.94 3.35 20.10
CA LYS A 214 1.98 4.43 20.33
C LYS A 214 2.59 5.83 20.28
N PRO A 215 3.74 6.12 20.90
CA PRO A 215 4.32 7.47 20.77
C PRO A 215 4.59 7.86 19.32
N ILE A 216 4.79 6.89 18.43
CA ILE A 216 4.96 7.20 17.02
C ILE A 216 3.62 7.55 16.37
N GLU A 217 2.56 6.83 16.75
CA GLU A 217 1.24 7.11 16.18
C GLU A 217 0.71 8.47 16.63
N ASP A 218 1.15 8.96 17.79
CA ASP A 218 0.76 10.30 18.20
C ASP A 218 1.40 11.37 17.32
N ILE A 219 2.66 11.17 16.95
CA ILE A 219 3.34 12.15 16.10
C ILE A 219 2.76 12.12 14.69
N GLN A 220 2.50 10.91 14.15
CA GLN A 220 1.89 10.81 12.83
C GLN A 220 0.50 11.42 12.82
N ASP A 221 -0.24 11.31 13.93
CA ASP A 221 -1.54 11.95 14.01
C ASP A 221 -1.41 13.46 13.87
N ASN A 222 -0.37 14.04 14.46
CA ASN A 222 -0.16 15.48 14.33
C ASN A 222 0.28 15.86 12.93
N LEU A 223 1.13 15.03 12.31
CA LEU A 223 1.56 15.30 10.94
C LEU A 223 0.42 15.12 9.94
N LEU A 224 -0.48 14.17 10.19
CA LEU A 224 -1.61 13.96 9.30
C LEU A 224 -2.60 15.12 9.38
N GLN A 225 -2.79 15.68 10.58
CA GLN A 225 -3.64 16.86 10.69
C GLN A 225 -3.04 18.04 9.94
N ALA A 226 -1.72 18.19 10.01
CA ALA A 226 -1.05 19.28 9.28
C ALA A 226 -1.14 19.07 7.78
N LEU A 227 -0.96 17.82 7.32
CA LEU A 227 -1.02 17.55 5.89
C LEU A 227 -2.42 17.77 5.34
N GLU A 228 -3.45 17.37 6.09
CA GLU A 228 -4.82 17.52 5.63
C GLU A 228 -5.17 19.00 5.47
N LEU A 229 -4.76 19.84 6.42
CA LEU A 229 -5.01 21.27 6.31
C LEU A 229 -4.15 21.91 5.23
N GLN A 230 -2.92 21.42 5.06
CA GLN A 230 -2.03 21.95 4.04
C GLN A 230 -2.63 21.77 2.65
N LEU A 231 -3.12 20.57 2.36
CA LEU A 231 -3.72 20.31 1.05
C LEU A 231 -5.05 21.04 0.89
N LYS A 232 -5.74 21.30 2.01
CA LYS A 232 -7.00 22.05 1.93
C LYS A 232 -6.77 23.48 1.48
N LEU A 233 -5.68 24.09 1.95
CA LEU A 233 -5.38 25.48 1.62
C LEU A 233 -4.61 25.63 0.33
N ASN A 234 -3.57 24.81 0.13
CA ASN A 234 -2.74 24.93 -1.05
C ASN A 234 -3.40 24.37 -2.30
N HIS A 235 -4.35 23.45 -2.16
CA HIS A 235 -5.10 22.89 -3.29
C HIS A 235 -6.57 22.88 -2.93
N PRO A 236 -7.24 24.04 -3.00
CA PRO A 236 -8.65 24.10 -2.62
C PRO A 236 -9.58 23.51 -3.69
N GLU A 237 -9.28 23.80 -4.96
CA GLU A 237 -10.13 23.30 -6.04
C GLU A 237 -9.96 21.80 -6.22
N SER A 238 -8.82 21.24 -5.83
CA SER A 238 -8.57 19.82 -5.95
C SER A 238 -9.25 19.10 -4.79
N SER A 239 -10.36 18.41 -5.08
CA SER A 239 -11.12 17.73 -4.05
C SER A 239 -10.53 16.36 -3.76
N GLN A 240 -10.54 15.98 -2.48
CA GLN A 240 -10.07 14.68 -2.02
C GLN A 240 -8.61 14.42 -2.41
N LEU A 241 -7.79 15.47 -2.43
CA LEU A 241 -6.37 15.28 -2.67
C LEU A 241 -5.68 14.61 -1.48
N PHE A 242 -6.21 14.80 -0.27
CA PHE A 242 -5.64 14.16 0.90
C PHE A 242 -5.76 12.65 0.81
N ALA A 243 -6.91 12.14 0.40
CA ALA A 243 -7.09 10.70 0.28
C ALA A 243 -6.33 10.14 -0.92
N LYS A 244 -6.32 10.88 -2.03
CA LYS A 244 -5.60 10.41 -3.21
C LYS A 244 -4.10 10.38 -2.98
N LEU A 245 -3.59 11.23 -2.08
CA LEU A 245 -2.17 11.23 -1.78
C LEU A 245 -1.79 10.08 -0.86
N LEU A 246 -2.62 9.78 0.14
CA LEU A 246 -2.33 8.67 1.03
C LEU A 246 -2.41 7.32 0.32
N GLN A 247 -3.16 7.23 -0.77
CA GLN A 247 -3.22 6.00 -1.55
C GLN A 247 -1.93 5.72 -2.30
N LYS A 248 -1.12 6.75 -2.57
CA LYS A 248 0.14 6.57 -3.28
C LYS A 248 1.19 5.84 -2.46
N MET A 249 1.00 5.73 -1.14
CA MET A 249 1.92 4.92 -0.33
C MET A 249 1.85 3.45 -0.70
N THR A 250 0.75 3.00 -1.30
CA THR A 250 0.67 1.63 -1.79
C THR A 250 1.60 1.42 -2.98
N ASP A 251 1.78 2.45 -3.81
CA ASP A 251 2.70 2.33 -4.93
C ASP A 251 4.14 2.29 -4.46
N LEU A 252 4.46 3.02 -3.39
CA LEU A 252 5.84 3.08 -2.90
C LEU A 252 6.30 1.73 -2.38
N ARG A 253 5.41 0.98 -1.72
CA ARG A 253 5.78 -0.32 -1.19
C ARG A 253 6.19 -1.28 -2.29
N GLN A 254 5.37 -1.36 -3.34
CA GLN A 254 5.64 -2.32 -4.42
C GLN A 254 6.94 -1.99 -5.13
N ILE A 255 7.32 -0.72 -5.20
CA ILE A 255 8.60 -0.36 -5.81
C ILE A 255 9.75 -0.82 -4.94
N VAL A 256 9.61 -0.70 -3.62
CA VAL A 256 10.67 -1.16 -2.72
C VAL A 256 10.81 -2.67 -2.80
N THR A 257 9.69 -3.38 -2.88
CA THR A 257 9.75 -4.85 -2.95
C THR A 257 10.33 -5.30 -4.28
N GLU A 258 9.90 -4.69 -5.38
CA GLU A 258 10.46 -5.02 -6.69
C GLU A 258 11.94 -4.66 -6.75
N HIS A 259 12.32 -3.51 -6.20
CA HIS A 259 13.73 -3.14 -6.12
C HIS A 259 14.52 -4.18 -5.34
N VAL A 260 14.05 -4.53 -4.15
CA VAL A 260 14.75 -5.49 -3.30
C VAL A 260 14.94 -6.82 -4.02
N GLN A 261 13.89 -7.31 -4.71
CA GLN A 261 14.02 -8.55 -5.46
C GLN A 261 15.09 -8.45 -6.53
N LEU A 262 15.34 -7.24 -7.04
CA LEU A 262 16.28 -7.08 -8.15
C LEU A 262 17.73 -7.05 -7.67
N LEU A 263 18.00 -6.50 -6.49
CA LEU A 263 19.37 -6.53 -5.96
C LEU A 263 19.82 -7.95 -5.67
N GLN A 264 18.91 -8.82 -5.27
CA GLN A 264 19.29 -10.19 -4.94
C GLN A 264 19.76 -10.95 -6.18
N VAL A 265 19.28 -10.58 -7.36
CA VAL A 265 19.75 -11.21 -8.58
C VAL A 265 21.14 -10.68 -8.96
N ILE A 266 21.37 -9.39 -8.75
CA ILE A 266 22.66 -8.79 -9.09
C ILE A 266 23.74 -9.28 -8.13
N LYS A 267 23.40 -9.41 -6.85
CA LYS A 267 24.36 -9.89 -5.85
C LYS A 267 24.86 -11.29 -6.19
N LYS A 268 24.00 -12.13 -6.75
CA LYS A 268 24.37 -13.50 -7.06
C LYS A 268 24.89 -13.67 -8.48
N THR A 269 24.77 -12.66 -9.35
CA THR A 269 25.33 -12.72 -10.68
C THR A 269 26.68 -12.00 -10.75
N GLU A 270 26.71 -10.72 -10.39
CA GLU A 270 27.97 -9.98 -10.28
C GLU A 270 28.52 -10.21 -8.88
N THR A 271 29.40 -11.20 -8.73
CA THR A 271 29.87 -11.59 -7.41
C THR A 271 30.83 -10.56 -6.80
N ASP A 272 31.46 -9.73 -7.62
CA ASP A 272 32.34 -8.69 -7.11
C ASP A 272 31.60 -7.39 -6.81
N MET A 273 30.30 -7.33 -7.08
CA MET A 273 29.51 -6.11 -6.90
C MET A 273 29.31 -5.86 -5.40
N SER A 274 29.98 -4.84 -4.88
CA SER A 274 29.94 -4.53 -3.45
C SER A 274 29.01 -3.36 -3.19
N LEU A 275 28.30 -3.41 -2.06
CA LEU A 275 27.34 -2.38 -1.71
C LEU A 275 27.97 -1.33 -0.79
N HIS A 276 27.19 -0.76 0.12
CA HIS A 276 27.58 0.32 1.01
C HIS A 276 27.03 0.02 2.40
N PRO A 277 27.81 0.23 3.47
CA PRO A 277 27.27 0.13 4.83
C PRO A 277 25.88 0.72 5.03
N LEU A 278 25.57 1.87 4.43
CA LEU A 278 24.25 2.46 4.61
C LEU A 278 23.19 1.64 3.89
N LEU A 279 23.51 1.11 2.71
CA LEU A 279 22.51 0.40 1.91
C LEU A 279 22.36 -1.05 2.34
N GLN A 280 23.48 -1.76 2.51
CA GLN A 280 23.40 -3.19 2.84
C GLN A 280 22.79 -3.42 4.21
N GLU A 281 22.92 -2.45 5.12
CA GLU A 281 22.29 -2.58 6.43
C GLU A 281 20.81 -2.21 6.41
N ILE A 282 20.37 -1.48 5.38
CA ILE A 282 18.95 -1.21 5.22
C ILE A 282 18.24 -2.40 4.59
N TYR A 283 18.87 -3.03 3.60
CA TYR A 283 18.34 -4.24 2.98
C TYR A 283 18.48 -5.47 3.87
N LYS A 284 19.25 -5.38 4.96
CA LYS A 284 19.46 -6.50 5.87
C LYS A 284 18.16 -6.95 6.51
N ASP A 285 17.56 -8.02 5.99
CA ASP A 285 16.30 -8.57 6.48
C ASP A 285 15.23 -7.47 6.60
N LEU A 286 14.97 -6.82 5.48
CA LEU A 286 13.99 -5.75 5.43
C LEU A 286 12.57 -6.30 5.56
N GLU B 17 -24.25 19.70 1.16
CA GLU B 17 -24.06 18.58 0.23
C GLU B 17 -23.90 17.27 1.00
N SER B 18 -23.64 17.39 2.31
CA SER B 18 -23.49 16.21 3.16
C SER B 18 -24.79 15.43 3.33
N ALA B 19 -25.92 15.98 2.90
CA ALA B 19 -27.16 15.22 2.93
C ALA B 19 -27.09 14.03 1.97
N ASP B 20 -26.46 14.22 0.81
CA ASP B 20 -26.28 13.11 -0.13
C ASP B 20 -25.25 12.12 0.39
N LEU B 21 -24.24 12.59 1.14
CA LEU B 21 -23.24 11.69 1.70
C LEU B 21 -23.84 10.80 2.77
N ARG B 22 -24.79 11.33 3.56
CA ARG B 22 -25.49 10.50 4.52
C ARG B 22 -26.47 9.55 3.84
N ALA B 23 -27.02 9.94 2.69
CA ALA B 23 -27.87 9.05 1.92
C ALA B 23 -27.08 7.88 1.37
N LEU B 24 -25.91 8.17 0.77
CA LEU B 24 -25.07 7.13 0.22
C LEU B 24 -24.54 6.21 1.31
N ALA B 25 -24.32 6.74 2.52
CA ALA B 25 -23.81 5.91 3.60
C ALA B 25 -24.81 4.84 4.01
N LYS B 26 -26.10 5.19 4.09
CA LYS B 26 -27.09 4.21 4.48
C LYS B 26 -27.52 3.33 3.32
N HIS B 27 -27.45 3.84 2.09
CA HIS B 27 -27.73 3.01 0.92
C HIS B 27 -26.74 1.87 0.81
N LEU B 28 -25.45 2.19 0.95
CA LEU B 28 -24.42 1.15 0.91
C LEU B 28 -24.52 0.20 2.10
N TYR B 29 -24.93 0.72 3.26
CA TYR B 29 -25.06 -0.16 4.43
C TYR B 29 -26.23 -1.13 4.26
N ASP B 30 -27.35 -0.65 3.74
CA ASP B 30 -28.50 -1.53 3.55
C ASP B 30 -28.20 -2.63 2.54
N SER B 31 -27.50 -2.28 1.45
CA SER B 31 -27.09 -3.30 0.50
C SER B 31 -26.01 -4.20 1.07
N TYR B 32 -25.19 -3.68 1.99
CA TYR B 32 -24.19 -4.51 2.65
C TYR B 32 -24.83 -5.64 3.45
N ILE B 33 -25.96 -5.35 4.09
CA ILE B 33 -26.62 -6.37 4.91
C ILE B 33 -27.27 -7.43 4.02
N LYS B 34 -27.81 -7.01 2.87
CA LYS B 34 -28.48 -7.97 2.00
C LYS B 34 -27.50 -8.86 1.26
N SER B 35 -26.34 -8.31 0.86
CA SER B 35 -25.39 -9.07 0.08
C SER B 35 -24.54 -10.01 0.92
N PHE B 36 -24.24 -9.64 2.17
CA PHE B 36 -23.39 -10.45 3.03
C PHE B 36 -24.21 -11.00 4.19
N PRO B 37 -24.31 -12.33 4.32
CA PRO B 37 -25.10 -12.90 5.42
C PRO B 37 -24.43 -12.71 6.78
N LEU B 38 -23.20 -13.18 6.92
CA LEU B 38 -22.48 -13.11 8.19
C LEU B 38 -21.79 -11.76 8.27
N THR B 39 -22.41 -10.81 8.96
CA THR B 39 -21.85 -9.49 9.14
C THR B 39 -20.85 -9.48 10.30
N LYS B 40 -20.10 -8.38 10.40
CA LYS B 40 -19.13 -8.25 11.48
C LYS B 40 -19.81 -8.23 12.84
N ALA B 41 -20.97 -7.58 12.93
CA ALA B 41 -21.69 -7.51 14.20
C ALA B 41 -22.12 -8.88 14.67
N LYS B 42 -22.51 -9.76 13.75
CA LYS B 42 -22.93 -11.10 14.11
C LYS B 42 -21.75 -12.04 14.33
N ALA B 43 -20.58 -11.71 13.79
CA ALA B 43 -19.39 -12.52 14.06
C ALA B 43 -18.79 -12.16 15.41
N ARG B 44 -18.86 -10.88 15.79
CA ARG B 44 -18.39 -10.47 17.11
C ARG B 44 -19.24 -11.08 18.22
N ALA B 45 -20.52 -11.33 17.95
CA ALA B 45 -21.37 -11.96 18.95
C ALA B 45 -21.01 -13.42 19.13
N ILE B 46 -20.62 -14.10 18.05
CA ILE B 46 -20.27 -15.51 18.14
C ILE B 46 -18.91 -15.68 18.83
N LEU B 47 -17.97 -14.76 18.57
CA LEU B 47 -16.63 -14.89 19.11
C LEU B 47 -16.56 -14.70 20.62
N THR B 48 -17.56 -14.05 21.21
CA THR B 48 -17.56 -13.75 22.64
C THR B 48 -18.66 -14.46 23.41
N GLY B 49 -19.90 -14.40 22.94
CA GLY B 49 -21.00 -15.04 23.62
C GLY B 49 -22.34 -14.91 22.90
N LYS B 54 -24.37 -18.12 22.58
CA LYS B 54 -24.24 -19.25 21.67
C LYS B 54 -22.77 -19.50 21.34
N SER B 55 -22.41 -20.77 21.16
CA SER B 55 -21.04 -21.15 20.87
C SER B 55 -21.00 -22.11 19.68
N PRO B 56 -20.00 -22.04 18.77
CA PRO B 56 -19.92 -22.99 17.68
C PRO B 56 -18.91 -24.09 17.96
N PHE B 57 -18.59 -24.85 16.92
CA PHE B 57 -17.60 -25.91 17.04
C PHE B 57 -16.19 -25.34 17.00
N VAL B 58 -15.26 -26.00 17.68
CA VAL B 58 -13.87 -25.56 17.75
C VAL B 58 -12.99 -26.67 17.19
N ILE B 59 -12.24 -26.36 16.16
CA ILE B 59 -11.26 -27.27 15.57
C ILE B 59 -9.88 -26.82 16.01
N TYR B 60 -9.27 -27.59 16.91
CA TYR B 60 -7.99 -27.24 17.52
C TYR B 60 -6.86 -28.21 17.19
N ASP B 61 -7.16 -29.49 16.96
CA ASP B 61 -6.13 -30.45 16.58
C ASP B 61 -6.60 -31.30 15.39
N MET B 62 -5.91 -32.42 15.15
CA MET B 62 -6.28 -33.29 14.04
C MET B 62 -7.54 -34.10 14.34
N ASN B 63 -7.82 -34.38 15.61
CA ASN B 63 -8.99 -35.18 15.95
C ASN B 63 -10.27 -34.39 15.77
N SER B 64 -10.28 -33.13 16.21
CA SER B 64 -11.45 -32.28 16.04
C SER B 64 -11.67 -31.88 14.59
N LEU B 65 -10.69 -32.09 13.70
CA LEU B 65 -10.88 -31.82 12.29
C LEU B 65 -11.84 -32.84 11.68
N MET B 66 -11.51 -34.13 11.78
CA MET B 66 -12.41 -35.17 11.31
C MET B 66 -13.71 -35.18 12.09
N MET B 67 -13.62 -34.98 13.42
CA MET B 67 -14.82 -34.86 14.24
C MET B 67 -15.73 -33.75 13.73
N GLY B 68 -15.16 -32.66 13.23
CA GLY B 68 -15.94 -31.57 12.69
C GLY B 68 -16.80 -31.97 11.50
N GLU B 69 -16.14 -32.53 10.46
CA GLU B 69 -16.81 -32.85 9.21
C GLU B 69 -18.07 -33.70 9.41
N ASP B 70 -18.09 -34.51 10.46
CA ASP B 70 -19.26 -35.35 10.72
C ASP B 70 -20.50 -34.51 10.97
N LYS B 71 -20.42 -33.56 11.91
CA LYS B 71 -21.56 -32.76 12.31
C LYS B 71 -21.24 -31.29 12.06
N ILE B 72 -21.34 -30.89 10.79
CA ILE B 72 -21.10 -29.50 10.39
C ILE B 72 -21.61 -29.29 8.97
N LYS B 73 -21.68 -30.38 8.20
CA LYS B 73 -22.00 -30.34 6.78
C LYS B 73 -21.05 -29.42 6.02
N PHE B 74 -19.84 -29.91 5.72
CA PHE B 74 -18.97 -29.21 4.79
C PHE B 74 -19.45 -29.45 3.36
N LYS B 75 -18.83 -28.74 2.41
CA LYS B 75 -19.24 -28.79 1.02
C LYS B 75 -18.05 -29.13 0.12
N HIS B 76 -17.29 -30.14 0.53
CA HIS B 76 -16.15 -30.63 -0.26
C HIS B 76 -15.65 -31.96 0.29
N VAL B 87 -5.23 -34.30 3.58
CA VAL B 87 -5.75 -33.83 4.86
C VAL B 87 -5.52 -32.32 5.00
N ALA B 88 -4.27 -31.89 4.82
CA ALA B 88 -3.98 -30.46 4.89
C ALA B 88 -4.47 -29.72 3.66
N ILE B 89 -4.66 -30.42 2.53
CA ILE B 89 -5.18 -29.78 1.33
C ILE B 89 -6.70 -29.66 1.36
N ARG B 90 -7.39 -30.49 2.16
CA ARG B 90 -8.84 -30.35 2.28
C ARG B 90 -9.22 -29.01 2.91
N ILE B 91 -8.35 -28.49 3.79
CA ILE B 91 -8.61 -27.19 4.39
C ILE B 91 -8.49 -26.08 3.35
N PHE B 92 -7.44 -26.12 2.54
CA PHE B 92 -7.23 -25.08 1.54
C PHE B 92 -8.31 -25.12 0.45
N GLN B 93 -8.68 -26.32 0.02
CA GLN B 93 -9.74 -26.44 -0.99
C GLN B 93 -11.06 -25.91 -0.46
N GLY B 94 -11.32 -26.06 0.83
CA GLY B 94 -12.53 -25.48 1.40
C GLY B 94 -12.48 -23.97 1.44
N CYS B 95 -11.28 -23.42 1.67
CA CYS B 95 -11.12 -21.96 1.64
C CYS B 95 -11.39 -21.40 0.26
N GLN B 96 -11.03 -22.15 -0.79
CA GLN B 96 -11.34 -21.71 -2.15
C GLN B 96 -12.81 -21.86 -2.47
N PHE B 97 -13.48 -22.86 -1.88
CA PHE B 97 -14.93 -22.96 -2.04
C PHE B 97 -15.63 -21.77 -1.41
N ARG B 98 -15.14 -21.32 -0.24
CA ARG B 98 -15.72 -20.16 0.40
C ARG B 98 -15.39 -18.87 -0.34
N SER B 99 -14.22 -18.81 -0.98
CA SER B 99 -13.86 -17.62 -1.75
C SER B 99 -14.76 -17.47 -2.97
N VAL B 100 -15.13 -18.58 -3.62
CA VAL B 100 -16.00 -18.51 -4.78
C VAL B 100 -17.38 -17.98 -4.39
N GLU B 101 -17.91 -18.44 -3.25
CA GLU B 101 -19.16 -17.88 -2.76
C GLU B 101 -19.00 -16.40 -2.42
N ALA B 102 -17.82 -16.02 -1.90
CA ALA B 102 -17.59 -14.62 -1.54
C ALA B 102 -17.60 -13.73 -2.78
N VAL B 103 -16.97 -14.18 -3.87
CA VAL B 103 -16.92 -13.38 -5.09
C VAL B 103 -18.32 -13.05 -5.58
N GLN B 104 -19.26 -13.97 -5.43
CA GLN B 104 -20.64 -13.71 -5.85
C GLN B 104 -21.30 -12.65 -4.97
N GLU B 105 -21.03 -12.68 -3.67
CA GLU B 105 -21.59 -11.66 -2.78
C GLU B 105 -20.95 -10.31 -3.04
N ILE B 106 -19.65 -10.28 -3.36
CA ILE B 106 -18.98 -9.01 -3.65
C ILE B 106 -19.44 -8.46 -4.98
N THR B 107 -19.68 -9.34 -5.96
CA THR B 107 -20.15 -8.88 -7.27
C THR B 107 -21.56 -8.30 -7.16
N GLU B 108 -22.46 -9.01 -6.46
CA GLU B 108 -23.82 -8.51 -6.30
C GLU B 108 -23.82 -7.20 -5.52
N TYR B 109 -22.96 -7.07 -4.51
CA TYR B 109 -22.89 -5.82 -3.75
C TYR B 109 -22.31 -4.70 -4.59
N ALA B 110 -21.30 -4.99 -5.40
CA ALA B 110 -20.69 -3.96 -6.24
C ALA B 110 -21.67 -3.44 -7.27
N LYS B 111 -22.51 -4.31 -7.82
CA LYS B 111 -23.48 -3.90 -8.83
C LYS B 111 -24.59 -3.01 -8.27
N SER B 112 -24.66 -2.85 -6.94
CA SER B 112 -25.59 -1.91 -6.32
C SER B 112 -24.94 -0.60 -5.94
N ILE B 113 -23.63 -0.47 -6.14
CA ILE B 113 -22.95 0.81 -5.86
C ILE B 113 -23.37 1.82 -6.93
N PRO B 114 -23.79 3.02 -6.55
CA PRO B 114 -24.29 4.00 -7.54
C PRO B 114 -23.22 4.33 -8.58
N GLY B 115 -23.54 4.03 -9.83
CA GLY B 115 -22.66 4.30 -10.95
C GLY B 115 -21.85 3.10 -11.42
N PHE B 116 -21.81 2.02 -10.65
CA PHE B 116 -20.98 0.88 -11.02
C PHE B 116 -21.50 0.18 -12.27
N VAL B 117 -22.80 -0.16 -12.27
CA VAL B 117 -23.38 -0.88 -13.40
C VAL B 117 -23.41 -0.03 -14.66
N ASN B 118 -23.35 1.29 -14.52
CA ASN B 118 -23.32 2.19 -15.67
C ASN B 118 -21.93 2.40 -16.24
N LEU B 119 -20.94 1.63 -15.78
CA LEU B 119 -19.60 1.69 -16.32
C LEU B 119 -19.49 0.80 -17.55
N ASP B 120 -18.33 0.83 -18.19
CA ASP B 120 -18.04 -0.14 -19.24
C ASP B 120 -18.02 -1.54 -18.64
N LEU B 121 -18.64 -2.49 -19.34
CA LEU B 121 -18.72 -3.85 -18.82
C LEU B 121 -17.33 -4.45 -18.64
N ASN B 122 -16.38 -4.11 -19.51
CA ASN B 122 -15.01 -4.56 -19.32
C ASN B 122 -14.41 -3.98 -18.04
N ASP B 123 -14.71 -2.71 -17.75
CA ASP B 123 -14.20 -2.09 -16.54
C ASP B 123 -14.76 -2.76 -15.29
N GLN B 124 -16.06 -3.08 -15.30
CA GLN B 124 -16.65 -3.76 -14.16
C GLN B 124 -16.00 -5.11 -13.90
N VAL B 125 -15.70 -5.84 -14.98
CA VAL B 125 -15.01 -7.13 -14.84
C VAL B 125 -13.62 -6.93 -14.26
N THR B 126 -12.94 -5.84 -14.67
CA THR B 126 -11.57 -5.62 -14.22
C THR B 126 -11.52 -5.18 -12.76
N LEU B 127 -12.41 -4.26 -12.37
CA LEU B 127 -12.45 -3.81 -10.97
C LEU B 127 -12.75 -4.97 -10.04
N LEU B 128 -13.67 -5.85 -10.44
CA LEU B 128 -13.98 -7.01 -9.61
C LEU B 128 -12.85 -8.03 -9.64
N LYS B 129 -12.19 -8.18 -10.79
CA LYS B 129 -11.11 -9.16 -10.90
C LYS B 129 -9.97 -8.82 -9.94
N TYR B 130 -9.51 -7.57 -9.97
CA TYR B 130 -8.41 -7.13 -9.12
C TYR B 130 -8.87 -6.60 -7.78
N GLY B 131 -10.17 -6.71 -7.46
CA GLY B 131 -10.69 -6.18 -6.22
C GLY B 131 -11.09 -7.23 -5.21
N VAL B 132 -11.67 -8.33 -5.68
CA VAL B 132 -12.28 -9.31 -4.79
C VAL B 132 -11.28 -9.84 -3.78
N HIS B 133 -10.01 -9.97 -4.17
CA HIS B 133 -9.00 -10.49 -3.24
C HIS B 133 -8.80 -9.56 -2.06
N GLU B 134 -8.89 -8.25 -2.29
CA GLU B 134 -8.69 -7.29 -1.20
C GLU B 134 -9.92 -7.17 -0.31
N ILE B 135 -11.13 -7.34 -0.87
CA ILE B 135 -12.32 -7.33 -0.03
C ILE B 135 -12.45 -8.65 0.74
N ILE B 136 -11.97 -9.76 0.16
CA ILE B 136 -12.02 -11.05 0.84
C ILE B 136 -11.27 -11.00 2.16
N TYR B 137 -10.08 -10.39 2.16
CA TYR B 137 -9.28 -10.32 3.38
C TYR B 137 -9.77 -9.24 4.32
N THR B 138 -10.41 -8.19 3.80
CA THR B 138 -10.98 -7.17 4.66
C THR B 138 -12.13 -7.75 5.49
N MET B 139 -13.03 -8.49 4.86
CA MET B 139 -14.12 -9.13 5.58
C MET B 139 -13.67 -10.40 6.30
N LEU B 140 -12.57 -11.01 5.88
CA LEU B 140 -12.02 -12.13 6.63
C LEU B 140 -11.59 -11.68 8.02
N ALA B 141 -11.03 -10.49 8.13
CA ALA B 141 -10.65 -9.94 9.43
C ALA B 141 -11.86 -9.80 10.34
N SER B 142 -13.04 -9.52 9.78
CA SER B 142 -14.26 -9.45 10.59
C SER B 142 -14.57 -10.78 11.26
N LEU B 143 -13.98 -11.87 10.80
CA LEU B 143 -14.20 -13.20 11.39
C LEU B 143 -12.99 -13.69 12.17
N MET B 144 -12.00 -12.84 12.41
CA MET B 144 -10.74 -13.25 13.03
C MET B 144 -10.50 -12.48 14.32
N ASN B 145 -9.92 -13.16 15.30
CA ASN B 145 -9.28 -12.49 16.43
C ASN B 145 -7.83 -12.95 16.52
N LYS B 146 -7.21 -12.81 17.68
CA LYS B 146 -5.84 -13.25 17.86
C LYS B 146 -5.71 -14.75 18.14
N ASP B 147 -6.83 -15.47 18.17
CA ASP B 147 -6.80 -16.90 18.52
C ASP B 147 -7.38 -17.80 17.45
N GLY B 148 -7.93 -17.27 16.36
CA GLY B 148 -8.47 -18.12 15.32
C GLY B 148 -9.40 -17.34 14.41
N VAL B 149 -10.21 -18.10 13.66
CA VAL B 149 -11.13 -17.54 12.68
C VAL B 149 -12.37 -18.41 12.63
N LEU B 150 -13.52 -17.78 12.38
CA LEU B 150 -14.75 -18.51 12.16
C LEU B 150 -14.75 -19.16 10.78
N ILE B 151 -15.40 -20.31 10.70
CA ILE B 151 -15.52 -21.05 9.45
C ILE B 151 -16.98 -21.47 9.27
N SER B 152 -17.37 -21.66 8.00
CA SER B 152 -18.68 -22.16 7.64
C SER B 152 -19.80 -21.31 8.25
N GLU B 153 -19.78 -20.02 7.93
CA GLU B 153 -20.82 -19.08 8.34
C GLU B 153 -21.00 -19.04 9.85
N GLY B 154 -19.87 -19.03 10.57
CA GLY B 154 -19.88 -18.94 12.02
C GLY B 154 -20.24 -20.22 12.73
N GLN B 155 -20.52 -21.31 12.01
CA GLN B 155 -20.83 -22.58 12.66
C GLN B 155 -19.60 -23.25 13.26
N GLY B 156 -18.41 -22.84 12.86
CA GLY B 156 -17.18 -23.43 13.37
C GLY B 156 -16.14 -22.39 13.75
N PHE B 157 -14.95 -22.86 14.12
CA PHE B 157 -13.89 -21.96 14.58
C PHE B 157 -12.57 -22.71 14.56
N MET B 158 -11.70 -22.36 13.62
CA MET B 158 -10.36 -22.94 13.55
C MET B 158 -9.39 -22.05 14.31
N THR B 159 -8.53 -22.66 15.13
CA THR B 159 -7.66 -21.88 15.99
C THR B 159 -6.46 -21.35 15.22
N ARG B 160 -5.67 -20.53 15.91
CA ARG B 160 -4.46 -19.96 15.32
C ARG B 160 -3.35 -21.01 15.22
N GLU B 161 -3.10 -21.73 16.32
CA GLU B 161 -1.99 -22.67 16.35
C GLU B 161 -2.23 -23.86 15.43
N PHE B 162 -3.48 -24.23 15.19
CA PHE B 162 -3.76 -25.29 14.24
C PHE B 162 -3.46 -24.86 12.80
N LEU B 163 -3.47 -23.56 12.53
CA LEU B 163 -3.12 -23.03 11.21
C LEU B 163 -1.62 -22.91 11.01
N LYS B 164 -0.81 -23.21 12.03
CA LYS B 164 0.64 -23.25 11.89
C LYS B 164 1.18 -24.66 12.08
N SER B 165 0.32 -25.68 12.13
CA SER B 165 0.73 -27.05 12.37
C SER B 165 0.44 -27.95 11.18
N LEU B 166 0.44 -27.39 9.98
CA LEU B 166 0.21 -28.15 8.75
C LEU B 166 1.51 -28.24 7.95
N ARG B 167 1.53 -29.19 7.02
CA ARG B 167 2.70 -29.38 6.18
C ARG B 167 2.90 -28.17 5.27
N LYS B 168 4.17 -27.93 4.92
CA LYS B 168 4.53 -26.78 4.11
C LYS B 168 3.92 -26.91 2.71
N PRO B 169 3.55 -25.79 2.08
CA PRO B 169 3.61 -24.40 2.58
C PRO B 169 2.32 -23.97 3.25
N PHE B 170 1.44 -24.93 3.58
CA PHE B 170 0.19 -24.59 4.24
C PHE B 170 0.41 -24.05 5.65
N GLY B 171 1.51 -24.44 6.29
CA GLY B 171 1.76 -24.07 7.67
C GLY B 171 2.02 -22.60 7.90
N ASP B 172 2.24 -21.81 6.85
CA ASP B 172 2.51 -20.39 7.02
C ASP B 172 1.99 -19.62 5.81
N PHE B 173 0.68 -19.71 5.55
CA PHE B 173 0.00 -18.84 4.62
C PHE B 173 -1.12 -18.06 5.25
N MET B 174 -1.45 -18.34 6.52
CA MET B 174 -2.44 -17.57 7.26
C MET B 174 -1.83 -16.60 8.26
N GLU B 175 -0.57 -16.79 8.62
CA GLU B 175 0.07 -15.89 9.59
C GLU B 175 0.17 -14.45 9.10
N PRO B 176 0.51 -14.16 7.83
CA PRO B 176 0.42 -12.77 7.38
C PRO B 176 -0.98 -12.20 7.47
N LYS B 177 -2.02 -13.04 7.32
CA LYS B 177 -3.39 -12.58 7.42
C LYS B 177 -3.84 -12.41 8.86
N PHE B 178 -3.21 -13.11 9.80
CA PHE B 178 -3.52 -12.90 11.22
C PHE B 178 -2.81 -11.66 11.75
N GLU B 179 -1.58 -11.42 11.29
CA GLU B 179 -0.89 -10.18 11.64
C GLU B 179 -1.65 -8.96 11.11
N PHE B 180 -2.28 -9.10 9.95
CA PHE B 180 -3.06 -7.99 9.39
C PHE B 180 -4.39 -7.82 10.10
N ALA B 181 -5.08 -8.93 10.41
CA ALA B 181 -6.38 -8.84 11.06
C ALA B 181 -6.27 -8.22 12.45
N VAL B 182 -5.15 -8.44 13.14
CA VAL B 182 -4.94 -7.84 14.46
C VAL B 182 -4.83 -6.33 14.34
N LYS B 183 -4.05 -5.85 13.36
CA LYS B 183 -3.90 -4.41 13.19
C LYS B 183 -5.18 -3.76 12.69
N PHE B 184 -5.83 -4.40 11.70
CA PHE B 184 -6.99 -3.78 11.06
C PHE B 184 -8.17 -3.67 12.02
N ASN B 185 -8.46 -4.74 12.77
CA ASN B 185 -9.55 -4.70 13.73
C ASN B 185 -9.27 -3.76 14.90
N ALA B 186 -8.02 -3.36 15.10
CA ALA B 186 -7.71 -2.39 16.14
C ALA B 186 -8.32 -1.03 15.84
N LEU B 187 -8.56 -0.73 14.56
CA LEU B 187 -9.31 0.46 14.20
C LEU B 187 -10.75 0.39 14.69
N GLU B 188 -11.29 -0.82 14.88
CA GLU B 188 -12.59 -1.04 15.51
C GLU B 188 -13.70 -0.33 14.74
N LEU B 189 -13.84 -0.71 13.47
CA LEU B 189 -14.94 -0.25 12.63
C LEU B 189 -16.12 -1.20 12.74
N ASP B 190 -17.28 -0.73 12.29
CA ASP B 190 -18.50 -1.54 12.29
C ASP B 190 -18.95 -1.78 10.86
N ASP B 191 -20.12 -2.42 10.73
CA ASP B 191 -20.62 -2.80 9.42
C ASP B 191 -20.90 -1.60 8.53
N SER B 192 -21.28 -0.46 9.12
CA SER B 192 -21.57 0.72 8.33
C SER B 192 -20.29 1.39 7.82
N ASP B 193 -19.23 1.38 8.63
CA ASP B 193 -17.94 1.87 8.16
C ASP B 193 -17.36 0.94 7.10
N LEU B 194 -17.43 -0.38 7.32
CA LEU B 194 -16.87 -1.32 6.37
C LEU B 194 -17.61 -1.26 5.04
N ALA B 195 -18.94 -1.08 5.08
CA ALA B 195 -19.72 -1.02 3.85
C ALA B 195 -19.18 0.05 2.90
N ILE B 196 -18.85 1.23 3.43
CA ILE B 196 -18.28 2.27 2.57
C ILE B 196 -16.85 1.93 2.18
N PHE B 197 -16.09 1.34 3.10
CA PHE B 197 -14.70 0.99 2.81
C PHE B 197 -14.60 -0.07 1.72
N ILE B 198 -15.53 -1.03 1.71
CA ILE B 198 -15.56 -2.04 0.64
C ILE B 198 -15.78 -1.37 -0.70
N ALA B 199 -16.66 -0.35 -0.74
CA ALA B 199 -16.97 0.30 -2.01
C ALA B 199 -15.76 1.03 -2.58
N VAL B 200 -14.94 1.62 -1.71
CA VAL B 200 -13.78 2.38 -2.18
C VAL B 200 -12.75 1.45 -2.82
N ILE B 201 -12.58 0.26 -2.25
CA ILE B 201 -11.59 -0.68 -2.79
C ILE B 201 -12.01 -1.16 -4.17
N ILE B 202 -13.31 -1.39 -4.37
CA ILE B 202 -13.79 -1.84 -5.67
C ILE B 202 -13.59 -0.74 -6.72
N LEU B 203 -13.86 0.51 -6.33
CA LEU B 203 -13.79 1.63 -7.31
C LEU B 203 -12.36 2.19 -7.41
N SER B 204 -11.34 1.39 -7.12
CA SER B 204 -9.97 1.83 -7.28
C SER B 204 -9.66 2.01 -8.76
N GLY B 205 -9.35 3.25 -9.15
CA GLY B 205 -9.13 3.59 -10.54
C GLY B 205 -7.78 3.24 -11.12
N ASP B 206 -6.94 2.52 -10.38
CA ASP B 206 -5.61 2.17 -10.86
C ASP B 206 -5.49 0.69 -11.20
N ARG B 207 -6.61 0.01 -11.45
CA ARG B 207 -6.56 -1.38 -11.85
C ARG B 207 -5.99 -1.48 -13.27
N PRO B 208 -5.05 -2.39 -13.52
CA PRO B 208 -4.48 -2.48 -14.87
C PRO B 208 -5.50 -2.96 -15.89
N GLY B 209 -5.51 -2.30 -17.04
CA GLY B 209 -6.38 -2.67 -18.13
C GLY B 209 -7.68 -1.90 -18.23
N LEU B 210 -7.88 -0.88 -17.40
CA LEU B 210 -9.10 -0.09 -17.47
C LEU B 210 -9.19 0.66 -18.79
N LEU B 211 -10.42 0.93 -19.22
CA LEU B 211 -10.67 1.62 -20.48
C LEU B 211 -11.22 3.02 -20.31
N ASN B 212 -11.90 3.31 -19.20
CA ASN B 212 -12.44 4.65 -18.93
C ASN B 212 -12.16 4.94 -17.45
N VAL B 213 -10.94 5.41 -17.18
CA VAL B 213 -10.50 5.60 -15.81
C VAL B 213 -11.19 6.79 -15.15
N LYS B 214 -11.75 7.72 -15.94
CA LYS B 214 -12.35 8.91 -15.35
C LYS B 214 -13.48 8.53 -14.39
N PRO B 215 -14.64 8.04 -14.86
CA PRO B 215 -15.79 7.94 -13.95
C PRO B 215 -15.53 7.07 -12.73
N ILE B 216 -14.69 6.05 -12.87
CA ILE B 216 -14.37 5.21 -11.72
C ILE B 216 -13.80 6.05 -10.58
N GLU B 217 -12.93 7.00 -10.89
CA GLU B 217 -12.40 7.92 -9.89
C GLU B 217 -13.46 8.91 -9.41
N ASP B 218 -14.48 9.15 -10.23
CA ASP B 218 -15.58 10.03 -9.82
C ASP B 218 -16.40 9.40 -8.71
N ILE B 219 -16.79 8.13 -8.89
CA ILE B 219 -17.54 7.43 -7.86
C ILE B 219 -16.69 7.23 -6.61
N GLN B 220 -15.42 6.87 -6.79
CA GLN B 220 -14.54 6.72 -5.64
C GLN B 220 -14.32 8.04 -4.91
N ASP B 221 -14.46 9.16 -5.62
CA ASP B 221 -14.31 10.46 -4.98
C ASP B 221 -15.46 10.73 -4.01
N ASN B 222 -16.69 10.44 -4.43
CA ASN B 222 -17.84 10.59 -3.53
C ASN B 222 -17.85 9.51 -2.46
N LEU B 223 -17.32 8.32 -2.77
CA LEU B 223 -17.22 7.28 -1.77
C LEU B 223 -16.23 7.65 -0.67
N LEU B 224 -15.14 8.34 -1.03
CA LEU B 224 -14.19 8.79 -0.03
C LEU B 224 -14.74 9.93 0.81
N GLN B 225 -15.58 10.78 0.21
CA GLN B 225 -16.26 11.81 1.00
C GLN B 225 -17.23 11.18 1.99
N ALA B 226 -18.02 10.21 1.54
CA ALA B 226 -18.96 9.54 2.43
C ALA B 226 -18.23 8.75 3.50
N LEU B 227 -17.05 8.20 3.18
CA LEU B 227 -16.26 7.51 4.18
C LEU B 227 -15.68 8.48 5.19
N GLU B 228 -15.18 9.62 4.72
CA GLU B 228 -14.63 10.63 5.62
C GLU B 228 -15.69 11.16 6.57
N LEU B 229 -16.91 11.39 6.06
CA LEU B 229 -17.99 11.87 6.91
C LEU B 229 -18.47 10.78 7.87
N GLN B 230 -18.50 9.52 7.41
CA GLN B 230 -19.01 8.44 8.23
C GLN B 230 -18.14 8.21 9.46
N LEU B 231 -16.81 8.25 9.29
CA LEU B 231 -15.91 8.01 10.40
C LEU B 231 -15.90 9.15 11.41
N LYS B 232 -16.29 10.36 11.00
CA LYS B 232 -16.36 11.47 11.95
C LYS B 232 -17.61 11.39 12.82
N LEU B 233 -18.74 11.00 12.24
CA LEU B 233 -19.98 10.95 13.00
C LEU B 233 -20.09 9.71 13.87
N ASN B 234 -19.42 8.63 13.48
CA ASN B 234 -19.48 7.38 14.25
C ASN B 234 -18.27 7.21 15.17
N HIS B 235 -17.16 7.88 14.89
CA HIS B 235 -15.95 7.79 15.70
C HIS B 235 -15.43 9.20 15.95
N PRO B 236 -16.05 9.94 16.87
CA PRO B 236 -15.66 11.33 17.10
C PRO B 236 -14.39 11.45 17.92
N GLU B 237 -14.09 10.43 18.73
CA GLU B 237 -12.92 10.50 19.60
C GLU B 237 -11.64 10.11 18.86
N SER B 238 -11.72 9.10 18.00
CA SER B 238 -10.54 8.67 17.25
C SER B 238 -10.19 9.71 16.19
N SER B 239 -8.97 10.25 16.27
CA SER B 239 -8.52 11.29 15.35
C SER B 239 -7.81 10.65 14.16
N GLN B 240 -8.10 11.18 12.97
CA GLN B 240 -7.48 10.72 11.72
C GLN B 240 -7.72 9.22 11.50
N LEU B 241 -8.91 8.74 11.88
CA LEU B 241 -9.27 7.36 11.57
C LEU B 241 -9.41 7.17 10.06
N PHE B 242 -9.76 8.23 9.34
CA PHE B 242 -9.84 8.15 7.88
C PHE B 242 -8.46 7.99 7.26
N ALA B 243 -7.47 8.73 7.77
CA ALA B 243 -6.11 8.60 7.25
C ALA B 243 -5.50 7.26 7.61
N LYS B 244 -5.72 6.81 8.84
CA LYS B 244 -5.19 5.50 9.25
C LYS B 244 -5.85 4.37 8.48
N LEU B 245 -7.11 4.55 8.08
CA LEU B 245 -7.78 3.50 7.32
C LEU B 245 -7.23 3.39 5.90
N LEU B 246 -6.93 4.53 5.27
CA LEU B 246 -6.36 4.50 3.93
C LEU B 246 -4.97 3.87 3.92
N GLN B 247 -4.23 4.00 5.02
CA GLN B 247 -2.92 3.36 5.12
C GLN B 247 -3.03 1.85 5.20
N LYS B 248 -4.16 1.32 5.66
CA LYS B 248 -4.35 -0.12 5.67
C LYS B 248 -4.49 -0.69 4.27
N MET B 249 -4.84 0.14 3.29
CA MET B 249 -4.87 -0.33 1.91
C MET B 249 -3.45 -0.64 1.43
N THR B 250 -2.49 0.22 1.77
CA THR B 250 -1.09 -0.07 1.49
C THR B 250 -0.70 -1.44 2.00
N ASP B 251 -1.14 -1.77 3.21
CA ASP B 251 -0.96 -3.12 3.73
C ASP B 251 -1.71 -4.10 2.85
N LEU B 252 -3.05 -4.06 2.86
CA LEU B 252 -3.94 -4.97 2.15
C LEU B 252 -3.38 -5.53 0.85
N ARG B 253 -2.84 -4.67 -0.01
CA ARG B 253 -2.31 -5.12 -1.30
C ARG B 253 -1.01 -5.89 -1.13
N GLN B 254 -0.17 -5.48 -0.18
CA GLN B 254 1.07 -6.19 0.09
C GLN B 254 0.83 -7.65 0.48
N ILE B 255 -0.28 -7.92 1.16
CA ILE B 255 -0.64 -9.31 1.51
C ILE B 255 -1.42 -10.01 0.40
N VAL B 256 -2.13 -9.26 -0.44
CA VAL B 256 -2.80 -9.88 -1.59
C VAL B 256 -1.77 -10.32 -2.63
N THR B 257 -0.82 -9.44 -2.95
CA THR B 257 0.23 -9.79 -3.90
C THR B 257 1.18 -10.84 -3.32
N GLU B 258 1.27 -10.95 -2.00
CA GLU B 258 2.08 -12.00 -1.40
C GLU B 258 1.36 -13.35 -1.44
N HIS B 259 0.04 -13.35 -1.20
CA HIS B 259 -0.73 -14.57 -1.28
C HIS B 259 -0.85 -15.06 -2.72
N VAL B 260 -0.85 -14.13 -3.69
CA VAL B 260 -0.91 -14.52 -5.10
C VAL B 260 0.33 -15.32 -5.47
N GLN B 261 1.51 -14.82 -5.10
CA GLN B 261 2.75 -15.55 -5.36
C GLN B 261 2.85 -16.81 -4.52
N LEU B 262 2.04 -16.93 -3.45
CA LEU B 262 1.95 -18.18 -2.72
C LEU B 262 1.00 -19.17 -3.38
N LEU B 263 0.02 -18.67 -4.14
CA LEU B 263 -0.90 -19.55 -4.85
C LEU B 263 -0.24 -20.31 -5.98
N GLN B 264 0.99 -19.96 -6.35
CA GLN B 264 1.70 -20.73 -7.35
C GLN B 264 2.74 -21.65 -6.73
N VAL B 265 2.95 -21.57 -5.41
CA VAL B 265 3.68 -22.62 -4.72
C VAL B 265 2.78 -23.85 -4.56
N ILE B 266 1.47 -23.65 -4.40
CA ILE B 266 0.56 -24.80 -4.41
C ILE B 266 0.40 -25.36 -5.81
N LYS B 267 0.66 -24.56 -6.84
CA LYS B 267 0.60 -25.05 -8.22
C LYS B 267 1.77 -25.98 -8.52
N LYS B 268 2.93 -25.75 -7.90
CA LYS B 268 4.13 -26.51 -8.19
C LYS B 268 4.46 -27.56 -7.13
N THR B 269 3.81 -27.52 -5.97
CA THR B 269 4.07 -28.46 -4.89
C THR B 269 2.81 -29.26 -4.61
N GLU B 270 2.97 -30.30 -3.77
CA GLU B 270 1.91 -31.25 -3.40
C GLU B 270 1.50 -32.10 -4.61
N THR B 271 1.50 -33.41 -4.44
CA THR B 271 1.09 -34.32 -5.51
C THR B 271 -0.36 -34.77 -5.33
N ASP B 272 -1.26 -33.79 -5.11
CA ASP B 272 -2.70 -34.12 -4.88
C ASP B 272 -3.56 -32.88 -5.16
N MET B 273 -3.01 -31.90 -5.86
CA MET B 273 -3.72 -30.65 -6.18
C MET B 273 -4.26 -30.65 -7.61
N SER B 274 -4.68 -31.81 -8.13
CA SER B 274 -5.24 -31.88 -9.48
C SER B 274 -6.13 -33.13 -9.54
N LEU B 275 -7.43 -32.94 -9.33
CA LEU B 275 -8.35 -34.09 -9.32
C LEU B 275 -9.27 -34.02 -10.55
N HIS B 276 -10.53 -33.64 -10.34
CA HIS B 276 -11.48 -33.59 -11.44
C HIS B 276 -11.24 -32.36 -12.30
N PRO B 277 -11.10 -32.51 -13.63
CA PRO B 277 -10.82 -31.33 -14.47
C PRO B 277 -11.93 -30.29 -14.42
N LEU B 278 -13.19 -30.70 -14.32
CA LEU B 278 -14.27 -29.72 -14.20
C LEU B 278 -14.19 -28.98 -12.87
N LEU B 279 -13.62 -29.59 -11.84
CA LEU B 279 -13.46 -28.92 -10.56
C LEU B 279 -12.37 -27.86 -10.62
N GLN B 280 -11.33 -28.09 -11.44
CA GLN B 280 -10.28 -27.09 -11.60
C GLN B 280 -10.80 -25.83 -12.28
N GLU B 281 -11.74 -26.00 -13.22
CA GLU B 281 -12.26 -24.85 -13.95
C GLU B 281 -13.05 -23.91 -13.06
N ILE B 282 -13.68 -24.43 -12.01
CA ILE B 282 -14.44 -23.57 -11.10
C ILE B 282 -13.51 -22.64 -10.33
N TYR B 283 -12.35 -23.15 -9.91
CA TYR B 283 -11.40 -22.39 -9.12
C TYR B 283 -10.37 -21.81 -10.08
N LYS B 284 -10.61 -20.58 -10.53
CA LYS B 284 -9.78 -19.95 -11.55
C LYS B 284 -9.22 -18.61 -11.07
CAA A1IYE C . 23.12 9.00 -10.91
CAB A1IYE C . 23.07 7.63 -10.98
CAC A1IYE C . 21.90 6.99 -11.23
CAD A1IYE C . 20.75 7.71 -11.44
CAE A1IYE C . 20.76 9.09 -11.39
CAF A1IYE C . 21.96 9.75 -11.15
CAH A1IYE C . 24.42 9.69 -10.68
CAI A1IYE C . 24.32 11.00 -10.33
CAJ A1IYE C . 25.65 11.56 -10.27
CAL A1IYE C . 25.84 9.41 -11.04
CAO A1IYE C . 26.07 9.04 -12.48
CAP A1IYE C . 25.67 9.90 -13.50
CAQ A1IYE C . 25.85 9.52 -14.80
CAR A1IYE C . 26.41 8.29 -15.12
CAS A1IYE C . 26.78 7.43 -14.12
CAT A1IYE C . 26.61 7.78 -12.80
CAV A1IYE C . 27.63 6.06 -15.79
CAW A1IYE C . 29.12 6.36 -15.92
OAK A1IYE C . 26.54 10.65 -10.73
OAM A1IYE C . 25.99 12.67 -9.93
OAN A1IYE C . 23.26 11.67 -9.87
OAU A1IYE C . 27.32 6.20 -14.44
OAX A1IYE C . 29.73 6.24 -17.00
OAY A1IYE C . 29.77 6.74 -14.92
BRAG A1IYE C . 19.13 6.79 -11.78
#